data_9UNX
#
_entry.id   9UNX
#
_cell.length_a   1.00
_cell.length_b   1.00
_cell.length_c   1.00
_cell.angle_alpha   90.00
_cell.angle_beta   90.00
_cell.angle_gamma   90.00
#
_symmetry.space_group_name_H-M   'P 1'
#
loop_
_entity.id
_entity.type
_entity.pdbx_description
1 polymer 'Solute carrier family 22 member 6'
2 non-polymer 'BROMIDE ION'
3 non-polymer Olmesartan
#
_entity_poly.entity_id   1
_entity_poly.type   'polypeptide(L)'
_entity_poly.pdbx_seq_one_letter_code
;MAFNDLLQQVGGVGRFQQIQVTLVVLPLLLMASHNTLQNFTAAIPTHHCRPPADANLSKNGGLEVWLPRDRQGQPESCLR
FTSPQWGLPFLNGTEANGTGATEPCTDGWIYDNSTFPSTIVTEWDLVCSHRALRQLAQSLYMVGVLLGAMVFGYLADRLG
RRKVLILNYLQTAVSGTCAAFAPNFPIYCAFRLLSGMALAGISLNCMTLNVEWMPIHTRACVGTLIGYVYSLGQFLLAGV
AYAVPHWRHLQLLVSAPFFAFFIYSWFFIESARWHSSSGRLDLTLRALQRVARINGKREEGAKLSMEVLRASLQKELTMG
KGQASAMELLRCPTLRHLFLCLSMLWFATSFAYYGLVMDLQGFGVSIYLIQVIFGAVDLPAKLVGFLVINSLGRRPAQMA
ALLLAGICILLNGVIPQDQSIVRTSLAVLGKGCLAASFNCIFLYTGELYPTMIRQTGMGMGSTMARVGSIVSPLVSMTAE
LYPSMPLFIYGAVPVAASAVTVLLPETLGQPLPDTVQDLESRWAPTQKEAGIYPRKGKQTRQQQEHQKYMVPLQASAQEK
NGL
;
_entity_poly.pdbx_strand_id   A
#
loop_
_chem_comp.id
_chem_comp.type
_chem_comp.name
_chem_comp.formula
BR non-polymer 'BROMIDE ION' 'Br -1'
OLM non-polymer Olmesartan 'C24 H26 N6 O3'
#
# COMPACT_ATOMS: atom_id res chain seq x y z
N ALA A 2 30.15 -18.43 -1.13
CA ALA A 2 29.05 -17.47 -1.22
C ALA A 2 27.77 -18.14 -1.71
N PHE A 3 26.64 -17.73 -1.13
CA PHE A 3 25.36 -18.33 -1.51
C PHE A 3 24.95 -17.90 -2.91
N ASN A 4 25.29 -16.69 -3.33
CA ASN A 4 24.91 -16.20 -4.64
C ASN A 4 25.52 -17.08 -5.74
N ASP A 5 26.81 -17.42 -5.59
CA ASP A 5 27.46 -18.25 -6.59
C ASP A 5 26.84 -19.64 -6.67
N LEU A 6 26.45 -20.20 -5.52
CA LEU A 6 25.83 -21.52 -5.51
C LEU A 6 24.40 -21.49 -6.01
N LEU A 7 23.71 -20.35 -5.87
CA LEU A 7 22.36 -20.24 -6.43
C LEU A 7 22.41 -20.24 -7.95
N GLN A 8 23.51 -19.79 -8.54
CA GLN A 8 23.69 -19.84 -9.98
C GLN A 8 24.15 -21.21 -10.46
N GLN A 9 24.47 -22.12 -9.53
CA GLN A 9 24.87 -23.48 -9.92
C GLN A 9 23.71 -24.21 -10.59
N VAL A 10 22.50 -24.05 -10.08
CA VAL A 10 21.33 -24.72 -10.62
C VAL A 10 20.76 -23.93 -11.80
N GLY A 11 21.49 -22.89 -12.21
CA GLY A 11 21.12 -22.10 -13.36
C GLY A 11 20.74 -20.66 -13.09
N GLY A 12 20.90 -20.18 -11.86
CA GLY A 12 20.50 -18.82 -11.54
C GLY A 12 19.02 -18.63 -11.80
N VAL A 13 18.69 -17.60 -12.58
CA VAL A 13 17.30 -17.43 -13.02
C VAL A 13 16.93 -18.59 -13.94
N GLY A 14 15.78 -19.20 -13.69
CA GLY A 14 15.37 -20.36 -14.46
C GLY A 14 13.88 -20.58 -14.48
N ARG A 15 13.46 -21.78 -14.88
CA ARG A 15 12.04 -22.09 -14.93
C ARG A 15 11.41 -22.03 -13.55
N PHE A 16 12.11 -22.57 -12.54
CA PHE A 16 11.59 -22.50 -11.18
C PHE A 16 11.51 -21.06 -10.69
N GLN A 17 12.56 -20.27 -10.94
CA GLN A 17 12.58 -18.88 -10.49
C GLN A 17 11.48 -18.07 -11.20
N GLN A 18 11.31 -18.30 -12.50
CA GLN A 18 10.28 -17.59 -13.24
C GLN A 18 8.88 -17.98 -12.76
N ILE A 19 8.66 -19.26 -12.49
CA ILE A 19 7.33 -19.74 -12.14
C ILE A 19 6.89 -19.20 -10.77
N GLN A 20 7.77 -19.31 -9.77
CA GLN A 20 7.36 -18.95 -8.42
C GLN A 20 7.26 -17.44 -8.25
N VAL A 21 8.19 -16.69 -8.83
CA VAL A 21 8.16 -15.23 -8.70
C VAL A 21 6.88 -14.68 -9.33
N THR A 22 6.46 -15.26 -10.47
CA THR A 22 5.22 -14.85 -11.09
C THR A 22 4.02 -15.11 -10.17
N LEU A 23 3.99 -16.28 -9.53
CA LEU A 23 2.87 -16.62 -8.66
C LEU A 23 2.92 -15.84 -7.35
N VAL A 24 4.12 -15.57 -6.83
CA VAL A 24 4.23 -14.79 -5.60
C VAL A 24 3.84 -13.34 -5.85
N VAL A 25 4.21 -12.78 -7.01
CA VAL A 25 3.88 -11.39 -7.32
C VAL A 25 2.45 -11.23 -7.82
N LEU A 26 1.76 -12.34 -8.13
CA LEU A 26 0.39 -12.22 -8.65
C LEU A 26 -0.57 -11.59 -7.66
N PRO A 27 -0.60 -11.96 -6.36
CA PRO A 27 -1.53 -11.29 -5.44
C PRO A 27 -1.22 -9.83 -5.19
N LEU A 28 -0.06 -9.34 -5.62
CA LEU A 28 0.27 -7.93 -5.41
C LEU A 28 -0.63 -7.01 -6.23
N LEU A 29 -1.27 -7.53 -7.28
CA LEU A 29 -2.25 -6.74 -8.00
C LEU A 29 -3.44 -6.39 -7.12
N LEU A 30 -3.89 -7.32 -6.29
CA LEU A 30 -5.00 -7.08 -5.37
C LEU A 30 -4.58 -6.30 -4.13
N MET A 31 -3.28 -6.09 -3.93
CA MET A 31 -2.82 -5.32 -2.77
C MET A 31 -3.27 -3.88 -2.86
N ALA A 32 -3.20 -3.29 -4.06
CA ALA A 32 -3.65 -1.91 -4.25
C ALA A 32 -5.16 -1.79 -4.07
N SER A 33 -5.91 -2.79 -4.53
CA SER A 33 -7.36 -2.75 -4.42
C SER A 33 -7.80 -2.73 -2.95
N HIS A 34 -7.19 -3.57 -2.12
CA HIS A 34 -7.57 -3.62 -0.71
C HIS A 34 -7.25 -2.30 0.00
N ASN A 35 -6.09 -1.71 -0.31
CA ASN A 35 -5.70 -0.47 0.36
C ASN A 35 -6.63 0.68 0.00
N THR A 36 -7.23 0.63 -1.19
CA THR A 36 -8.10 1.69 -1.67
C THR A 36 -9.57 1.32 -1.63
N LEU A 37 -9.91 0.08 -1.24
CA LEU A 37 -11.27 -0.41 -1.34
C LEU A 37 -12.27 0.42 -0.54
N GLN A 38 -11.79 1.17 0.47
CA GLN A 38 -12.69 2.06 1.21
C GLN A 38 -13.21 3.21 0.36
N ASN A 39 -12.61 3.46 -0.80
CA ASN A 39 -13.09 4.54 -1.66
C ASN A 39 -14.39 4.15 -2.37
N PHE A 40 -14.50 2.91 -2.82
CA PHE A 40 -15.68 2.46 -3.54
C PHE A 40 -16.70 1.80 -2.63
N THR A 41 -16.25 1.04 -1.63
CA THR A 41 -17.18 0.39 -0.71
C THR A 41 -17.77 1.36 0.31
N ALA A 42 -17.12 2.50 0.55
CA ALA A 42 -17.60 3.48 1.51
C ALA A 42 -17.78 4.85 0.87
N ALA A 43 -18.18 4.88 -0.40
CA ALA A 43 -18.45 6.14 -1.06
C ALA A 43 -19.71 6.78 -0.48
N ILE A 44 -19.71 8.11 -0.39
CA ILE A 44 -20.80 8.87 0.22
C ILE A 44 -21.68 9.40 -0.92
N PRO A 45 -22.89 8.88 -1.10
CA PRO A 45 -23.79 9.43 -2.11
C PRO A 45 -24.56 10.63 -1.56
N THR A 46 -25.25 11.31 -2.47
CA THR A 46 -26.10 12.43 -2.08
C THR A 46 -27.27 11.91 -1.24
N HIS A 47 -27.57 12.62 -0.15
CA HIS A 47 -28.60 12.17 0.77
C HIS A 47 -29.27 13.37 1.41
N HIS A 48 -30.44 13.10 2.00
CA HIS A 48 -31.21 14.13 2.70
C HIS A 48 -32.08 13.44 3.74
N CYS A 49 -32.65 14.26 4.63
CA CYS A 49 -33.41 13.73 5.75
C CYS A 49 -34.67 13.02 5.26
N ARG A 50 -35.25 12.21 6.16
CA ARG A 50 -36.43 11.43 5.84
C ARG A 50 -37.67 12.06 6.46
N PRO A 51 -38.58 12.63 5.67
CA PRO A 51 -39.83 13.13 6.25
C PRO A 51 -40.69 11.98 6.73
N PRO A 52 -41.53 12.20 7.76
CA PRO A 52 -42.40 11.14 8.28
C PRO A 52 -43.55 10.80 7.34
N TRP A 66 -40.15 20.25 3.52
CA TRP A 66 -39.73 19.43 4.64
C TRP A 66 -38.24 19.59 4.93
N LEU A 67 -37.44 19.76 3.88
CA LEU A 67 -35.99 19.80 4.00
C LEU A 67 -35.47 21.18 3.63
N PRO A 68 -34.82 21.90 4.55
CA PRO A 68 -34.21 23.18 4.20
C PRO A 68 -33.13 23.00 3.15
N ARG A 69 -32.93 24.05 2.35
CA ARG A 69 -31.92 24.06 1.30
C ARG A 69 -30.79 25.01 1.70
N ASP A 70 -29.56 24.61 1.40
CA ASP A 70 -28.39 25.41 1.76
C ASP A 70 -28.26 26.61 0.83
N ARG A 71 -27.21 27.40 1.05
CA ARG A 71 -26.98 28.58 0.21
C ARG A 71 -26.63 28.18 -1.23
N GLN A 72 -26.04 26.99 -1.41
CA GLN A 72 -25.73 26.53 -2.77
C GLN A 72 -27.00 26.23 -3.56
N GLY A 73 -27.99 25.62 -2.91
CA GLY A 73 -29.24 25.30 -3.57
C GLY A 73 -29.74 23.90 -3.26
N GLN A 74 -28.81 22.97 -3.00
CA GLN A 74 -29.18 21.61 -2.70
C GLN A 74 -29.85 21.52 -1.32
N PRO A 75 -30.67 20.50 -1.10
CA PRO A 75 -31.27 20.32 0.24
C PRO A 75 -30.19 20.14 1.30
N GLU A 76 -30.39 20.77 2.44
CA GLU A 76 -29.41 20.72 3.51
C GLU A 76 -29.48 19.38 4.22
N SER A 77 -28.30 18.76 4.42
CA SER A 77 -28.22 17.40 4.90
C SER A 77 -28.49 17.31 6.39
N CYS A 78 -29.28 16.32 6.80
CA CYS A 78 -29.49 15.98 8.21
C CYS A 78 -30.16 17.10 9.00
N LEU A 79 -30.91 17.96 8.32
CA LEU A 79 -31.75 18.93 9.00
C LEU A 79 -33.07 19.06 8.24
N ARG A 80 -34.18 18.94 8.96
CA ARG A 80 -35.51 18.96 8.37
C ARG A 80 -36.42 19.88 9.17
N PHE A 81 -37.41 20.44 8.47
CA PHE A 81 -38.36 21.32 9.12
C PHE A 81 -39.25 20.53 10.09
N THR A 82 -39.54 21.14 11.24
CA THR A 82 -40.47 20.52 12.17
C THR A 82 -41.85 20.39 11.57
N SER A 83 -42.30 21.41 10.85
CA SER A 83 -43.58 21.43 10.15
C SER A 83 -43.38 21.92 8.72
N PRO A 84 -44.22 21.47 7.78
CA PRO A 84 -44.08 21.92 6.39
C PRO A 84 -44.50 23.37 6.21
N THR A 102 -36.23 23.85 13.31
CA THR A 102 -35.49 22.79 12.64
C THR A 102 -35.12 21.68 13.62
N GLU A 103 -35.22 20.43 13.16
CA GLU A 103 -34.93 19.27 13.99
C GLU A 103 -34.01 18.32 13.24
N PRO A 104 -33.20 17.54 13.96
CA PRO A 104 -32.33 16.57 13.29
C PRO A 104 -33.12 15.37 12.80
N CYS A 105 -32.46 14.57 11.95
CA CYS A 105 -33.10 13.38 11.41
C CYS A 105 -33.44 12.39 12.51
N THR A 106 -34.65 11.86 12.46
CA THR A 106 -35.12 10.86 13.42
C THR A 106 -35.59 9.58 12.74
N ASP A 107 -36.28 9.70 11.61
CA ASP A 107 -36.82 8.54 10.90
C ASP A 107 -35.82 7.91 9.94
N GLY A 108 -34.63 8.49 9.79
CA GLY A 108 -33.62 7.94 8.90
C GLY A 108 -33.19 8.89 7.80
N TRP A 109 -32.60 8.34 6.74
CA TRP A 109 -32.11 9.13 5.63
C TRP A 109 -32.54 8.49 4.32
N ILE A 110 -32.68 9.33 3.29
CA ILE A 110 -32.96 8.87 1.93
C ILE A 110 -31.73 9.16 1.08
N TYR A 111 -31.19 8.11 0.47
CA TYR A 111 -29.97 8.19 -0.32
C TYR A 111 -30.30 8.16 -1.81
N ASP A 112 -29.25 8.19 -2.62
CA ASP A 112 -29.37 8.15 -4.07
C ASP A 112 -28.89 6.80 -4.59
N ASN A 113 -29.74 6.13 -5.37
CA ASN A 113 -29.41 4.84 -5.95
C ASN A 113 -29.01 4.93 -7.41
N SER A 114 -28.76 6.14 -7.91
CA SER A 114 -28.41 6.32 -9.32
C SER A 114 -26.98 5.92 -9.63
N THR A 115 -26.06 6.07 -8.66
CA THR A 115 -24.65 5.81 -8.91
C THR A 115 -24.06 4.82 -7.92
N PHE A 116 -24.54 4.83 -6.68
CA PHE A 116 -24.04 3.97 -5.61
C PHE A 116 -25.20 3.19 -5.02
N PRO A 117 -25.55 2.04 -5.59
CA PRO A 117 -26.70 1.28 -5.05
C PRO A 117 -26.57 0.91 -3.58
N SER A 118 -25.37 0.55 -3.13
CA SER A 118 -25.22 0.10 -1.74
C SER A 118 -23.76 0.24 -1.33
N THR A 119 -23.51 1.07 -0.32
CA THR A 119 -22.20 1.21 0.31
C THR A 119 -22.36 1.13 1.81
N ILE A 120 -21.23 1.00 2.52
CA ILE A 120 -21.28 0.94 3.98
C ILE A 120 -21.77 2.25 4.58
N VAL A 121 -21.67 3.36 3.84
CA VAL A 121 -22.20 4.63 4.34
C VAL A 121 -23.72 4.57 4.38
N THR A 122 -24.35 4.04 3.32
CA THR A 122 -25.80 3.93 3.30
C THR A 122 -26.31 2.81 4.20
N GLU A 123 -25.49 1.78 4.42
CA GLU A 123 -25.97 0.60 5.13
C GLU A 123 -26.20 0.90 6.61
N TRP A 124 -25.24 1.53 7.26
CA TRP A 124 -25.30 1.75 8.70
C TRP A 124 -25.38 3.23 9.07
N ASP A 125 -25.75 4.09 8.11
CA ASP A 125 -25.98 5.52 8.36
C ASP A 125 -24.73 6.20 8.93
N LEU A 126 -23.66 6.18 8.14
CA LEU A 126 -22.41 6.85 8.53
C LEU A 126 -22.32 8.24 7.89
N VAL A 127 -23.30 9.08 8.22
CA VAL A 127 -23.40 10.42 7.66
C VAL A 127 -23.53 11.43 8.78
N CYS A 128 -23.05 12.65 8.51
CA CYS A 128 -23.23 13.80 9.39
C CYS A 128 -22.64 13.59 10.77
N SER A 129 -23.50 13.32 11.75
CA SER A 129 -23.03 13.14 13.12
C SER A 129 -22.01 12.02 13.21
N HIS A 130 -22.29 10.88 12.58
CA HIS A 130 -21.34 9.78 12.50
C HIS A 130 -20.53 9.84 11.20
N ARG A 131 -19.94 10.99 10.92
CA ARG A 131 -19.09 11.12 9.75
C ARG A 131 -17.73 10.48 9.97
N ALA A 132 -17.20 10.58 11.19
CA ALA A 132 -15.87 10.04 11.47
C ALA A 132 -15.84 8.52 11.40
N LEU A 133 -17.00 7.87 11.55
CA LEU A 133 -17.03 6.40 11.54
C LEU A 133 -16.52 5.84 10.22
N ARG A 134 -16.84 6.49 9.11
CA ARG A 134 -16.34 6.03 7.81
C ARG A 134 -14.82 6.11 7.75
N GLN A 135 -14.25 7.21 8.28
CA GLN A 135 -12.80 7.32 8.34
C GLN A 135 -12.20 6.35 9.33
N LEU A 136 -12.94 6.03 10.40
CA LEU A 136 -12.42 5.09 11.40
C LEU A 136 -12.20 3.70 10.81
N ALA A 137 -12.94 3.34 9.76
CA ALA A 137 -12.73 2.05 9.12
C ALA A 137 -11.35 1.96 8.48
N GLN A 138 -10.91 3.04 7.83
CA GLN A 138 -9.58 3.05 7.23
C GLN A 138 -8.49 3.13 8.28
N SER A 139 -8.70 3.94 9.33
CA SER A 139 -7.72 4.04 10.41
C SER A 139 -7.56 2.71 11.12
N LEU A 140 -8.67 2.03 11.41
CA LEU A 140 -8.59 0.70 12.03
C LEU A 140 -7.93 -0.30 11.10
N TYR A 141 -8.25 -0.23 9.80
CA TYR A 141 -7.58 -1.10 8.83
C TYR A 141 -6.10 -0.80 8.75
N MET A 142 -5.72 0.48 8.73
CA MET A 142 -4.31 0.85 8.70
C MET A 142 -3.60 0.52 10.00
N VAL A 143 -4.34 0.41 11.10
CA VAL A 143 -3.73 -0.10 12.34
C VAL A 143 -3.36 -1.56 12.16
N GLY A 144 -4.20 -2.34 11.46
CA GLY A 144 -3.89 -3.73 11.22
C GLY A 144 -2.67 -3.92 10.34
N VAL A 145 -2.54 -3.10 9.29
CA VAL A 145 -1.40 -3.25 8.39
C VAL A 145 -0.11 -2.87 9.08
N LEU A 146 -0.16 -1.97 10.07
CA LEU A 146 1.02 -1.66 10.85
C LEU A 146 1.42 -2.84 11.73
N LEU A 147 0.45 -3.41 12.45
CA LEU A 147 0.73 -4.57 13.28
C LEU A 147 1.03 -5.81 12.47
N GLY A 148 0.58 -5.85 11.21
CA GLY A 148 0.90 -7.00 10.36
C GLY A 148 2.37 -7.10 10.05
N ALA A 149 3.02 -5.96 9.81
CA ALA A 149 4.46 -5.97 9.55
C ALA A 149 5.25 -6.25 10.83
N MET A 150 4.79 -5.74 11.96
CA MET A 150 5.49 -5.94 13.23
C MET A 150 5.39 -7.40 13.68
N VAL A 151 4.18 -7.96 13.66
CA VAL A 151 3.98 -9.31 14.19
C VAL A 151 4.49 -10.34 13.19
N PHE A 152 3.94 -10.33 11.97
CA PHE A 152 4.32 -11.35 10.99
C PHE A 152 5.74 -11.16 10.48
N GLY A 153 6.34 -9.99 10.68
CA GLY A 153 7.76 -9.86 10.43
C GLY A 153 8.58 -10.65 11.43
N TYR A 154 8.13 -10.67 12.70
CA TYR A 154 8.79 -11.49 13.70
C TYR A 154 8.49 -12.97 13.50
N LEU A 155 7.29 -13.29 13.01
CA LEU A 155 6.93 -14.69 12.79
C LEU A 155 7.77 -15.31 11.67
N ALA A 156 8.09 -14.53 10.63
CA ALA A 156 8.88 -15.07 9.53
C ALA A 156 10.30 -15.42 9.95
N ASP A 157 10.82 -14.80 11.00
CA ASP A 157 12.16 -15.12 11.48
C ASP A 157 12.21 -16.44 12.23
N ARG A 158 11.13 -16.79 12.94
CA ARG A 158 11.09 -18.00 13.74
C ARG A 158 10.40 -19.16 13.04
N LEU A 159 9.33 -18.90 12.30
CA LEU A 159 8.57 -19.97 11.67
C LEU A 159 9.05 -20.26 10.25
N GLY A 160 9.18 -19.24 9.43
CA GLY A 160 9.62 -19.39 8.06
C GLY A 160 8.97 -18.36 7.16
N ARG A 161 9.42 -18.33 5.89
CA ARG A 161 8.82 -17.40 4.94
C ARG A 161 7.70 -18.07 4.14
N ARG A 162 7.85 -19.34 3.85
CA ARG A 162 6.78 -20.06 3.18
C ARG A 162 5.63 -20.33 4.14
N LYS A 163 5.90 -20.68 5.40
CA LYS A 163 4.85 -20.99 6.36
C LYS A 163 3.97 -19.77 6.64
N VAL A 164 4.59 -18.59 6.76
CA VAL A 164 3.82 -17.38 7.02
C VAL A 164 2.96 -17.00 5.82
N LEU A 165 3.47 -17.21 4.61
CA LEU A 165 2.70 -16.88 3.41
C LEU A 165 1.42 -17.71 3.33
N ILE A 166 1.50 -18.99 3.70
CA ILE A 166 0.31 -19.84 3.71
C ILE A 166 -0.72 -19.33 4.70
N LEU A 167 -0.28 -18.86 5.86
CA LEU A 167 -1.19 -18.35 6.88
C LEU A 167 -1.68 -16.94 6.59
N ASN A 168 -1.18 -16.29 5.55
CA ASN A 168 -1.62 -14.95 5.19
C ASN A 168 -2.52 -14.92 3.97
N TYR A 169 -2.39 -15.90 3.08
CA TYR A 169 -3.34 -16.02 1.98
C TYR A 169 -4.70 -16.50 2.49
N LEU A 170 -4.69 -17.37 3.51
CA LEU A 170 -5.93 -17.85 4.09
C LEU A 170 -6.58 -16.78 4.96
N GLN A 171 -5.79 -16.06 5.77
CA GLN A 171 -6.35 -15.12 6.73
C GLN A 171 -7.12 -14.01 6.04
N THR A 172 -6.53 -13.41 5.00
CA THR A 172 -7.22 -12.33 4.29
C THR A 172 -8.50 -12.85 3.63
N ALA A 173 -8.44 -14.03 3.03
CA ALA A 173 -9.63 -14.60 2.41
C ALA A 173 -10.73 -14.85 3.43
N VAL A 174 -10.38 -15.38 4.61
CA VAL A 174 -11.38 -15.59 5.65
C VAL A 174 -11.84 -14.25 6.23
N SER A 175 -10.89 -13.37 6.54
CA SER A 175 -11.25 -12.08 7.13
C SER A 175 -11.98 -11.20 6.13
N GLY A 176 -11.54 -11.19 4.86
CA GLY A 176 -12.21 -10.37 3.87
C GLY A 176 -13.64 -10.82 3.61
N THR A 177 -13.83 -12.13 3.45
CA THR A 177 -15.18 -12.66 3.22
C THR A 177 -16.07 -12.42 4.43
N CYS A 178 -15.54 -12.64 5.64
CA CYS A 178 -16.34 -12.41 6.85
C CYS A 178 -16.66 -10.93 7.02
N ALA A 179 -15.83 -10.05 6.46
CA ALA A 179 -16.13 -8.62 6.52
C ALA A 179 -17.27 -8.26 5.57
N ALA A 180 -17.38 -8.97 4.44
CA ALA A 180 -18.45 -8.72 3.49
C ALA A 180 -19.82 -9.14 4.00
N PHE A 181 -19.88 -9.91 5.09
CA PHE A 181 -21.13 -10.35 5.69
C PHE A 181 -21.28 -9.82 7.11
N ALA A 182 -20.67 -8.68 7.39
CA ALA A 182 -20.71 -8.12 8.73
C ALA A 182 -22.13 -7.70 9.10
N PRO A 183 -22.65 -8.09 10.27
CA PRO A 183 -24.01 -7.68 10.62
C PRO A 183 -24.13 -6.21 10.95
N ASN A 184 -23.15 -5.65 11.66
CA ASN A 184 -23.18 -4.24 12.04
C ASN A 184 -21.80 -3.65 11.81
N PHE A 185 -21.60 -2.42 12.32
CA PHE A 185 -20.36 -1.69 12.04
C PHE A 185 -19.16 -2.25 12.82
N PRO A 186 -19.24 -2.47 14.15
CA PRO A 186 -18.03 -2.93 14.85
C PRO A 186 -17.46 -4.23 14.31
N ILE A 187 -18.30 -5.15 13.84
CA ILE A 187 -17.80 -6.39 13.27
C ILE A 187 -17.05 -6.12 11.98
N TYR A 188 -17.49 -5.14 11.19
CA TYR A 188 -16.80 -4.82 9.94
C TYR A 188 -15.43 -4.22 10.21
N CYS A 189 -15.32 -3.38 11.23
CA CYS A 189 -14.02 -2.79 11.57
C CYS A 189 -13.06 -3.85 12.08
N ALA A 190 -13.55 -4.79 12.89
CA ALA A 190 -12.67 -5.82 13.43
C ALA A 190 -12.21 -6.80 12.36
N PHE A 191 -13.06 -7.11 11.38
CA PHE A 191 -12.67 -8.03 10.33
C PHE A 191 -11.92 -7.36 9.20
N ARG A 192 -11.98 -6.02 9.10
CA ARG A 192 -11.10 -5.31 8.19
C ARG A 192 -9.71 -5.16 8.76
N LEU A 193 -9.60 -5.02 10.09
CA LEU A 193 -8.29 -4.94 10.72
C LEU A 193 -7.51 -6.25 10.53
N LEU A 194 -8.19 -7.38 10.67
CA LEU A 194 -7.51 -8.66 10.49
C LEU A 194 -7.02 -8.83 9.05
N SER A 195 -7.80 -8.36 8.08
CA SER A 195 -7.34 -8.37 6.69
C SER A 195 -6.13 -7.47 6.51
N GLY A 196 -6.03 -6.40 7.30
CA GLY A 196 -4.84 -5.56 7.24
C GLY A 196 -3.59 -6.27 7.71
N MET A 197 -3.70 -7.06 8.78
CA MET A 197 -2.54 -7.78 9.30
C MET A 197 -2.02 -8.79 8.29
N ALA A 198 -2.91 -9.55 7.66
CA ALA A 198 -2.46 -10.58 6.73
C ALA A 198 -1.90 -9.98 5.45
N LEU A 199 -2.48 -8.87 4.98
CA LEU A 199 -1.98 -8.24 3.76
C LEU A 199 -0.59 -7.66 3.95
N ALA A 200 -0.28 -7.14 5.16
CA ALA A 200 1.06 -6.69 5.44
C ALA A 200 2.06 -7.83 5.36
N GLY A 201 1.67 -9.00 5.87
CA GLY A 201 2.54 -10.17 5.77
C GLY A 201 2.74 -10.61 4.34
N ILE A 202 1.71 -10.47 3.51
CA ILE A 202 1.82 -10.84 2.10
C ILE A 202 2.83 -9.94 1.40
N SER A 203 2.70 -8.63 1.59
CA SER A 203 3.64 -7.69 0.95
C SER A 203 5.05 -7.87 1.50
N LEU A 204 5.18 -8.03 2.81
CA LEU A 204 6.51 -8.18 3.41
C LEU A 204 7.19 -9.47 2.94
N ASN A 205 6.44 -10.55 2.85
CA ASN A 205 7.00 -11.85 2.48
C ASN A 205 6.95 -12.10 0.98
N CYS A 206 6.51 -11.13 0.18
CA CYS A 206 6.57 -11.27 -1.26
C CYS A 206 7.95 -10.88 -1.79
N MET A 207 8.39 -9.66 -1.47
CA MET A 207 9.71 -9.21 -1.88
C MET A 207 10.81 -9.98 -1.15
N THR A 208 10.56 -10.31 0.12
CA THR A 208 11.58 -11.00 0.91
C THR A 208 11.85 -12.39 0.37
N LEU A 209 10.79 -13.18 0.15
CA LEU A 209 10.97 -14.54 -0.36
C LEU A 209 11.47 -14.53 -1.80
N ASN A 210 11.17 -13.48 -2.55
CA ASN A 210 11.57 -13.44 -3.96
C ASN A 210 13.07 -13.22 -4.09
N VAL A 211 13.65 -12.38 -3.23
CA VAL A 211 15.08 -12.07 -3.36
C VAL A 211 15.97 -13.16 -2.80
N GLU A 212 15.48 -13.98 -1.87
CA GLU A 212 16.29 -15.07 -1.33
C GLU A 212 16.46 -16.21 -2.32
N TRP A 213 15.57 -16.32 -3.30
CA TRP A 213 15.64 -17.36 -4.31
C TRP A 213 16.15 -16.84 -5.66
N MET A 214 16.62 -15.60 -5.71
CA MET A 214 17.08 -15.02 -6.96
C MET A 214 18.48 -14.45 -6.79
N PRO A 215 19.29 -14.49 -7.85
CA PRO A 215 20.68 -14.07 -7.73
C PRO A 215 20.82 -12.57 -7.47
N ILE A 216 22.03 -12.18 -7.09
CA ILE A 216 22.33 -10.76 -6.86
C ILE A 216 22.23 -9.98 -8.16
N HIS A 217 22.62 -10.60 -9.28
CA HIS A 217 22.57 -9.91 -10.57
C HIS A 217 21.15 -9.44 -10.88
N THR A 218 20.17 -10.33 -10.74
CA THR A 218 18.78 -9.98 -11.01
C THR A 218 18.06 -9.58 -9.74
N ARG A 219 18.59 -8.55 -9.08
CA ARG A 219 17.98 -8.00 -7.87
C ARG A 219 17.24 -6.70 -8.13
N ALA A 220 17.71 -5.87 -9.06
CA ALA A 220 17.01 -4.64 -9.38
C ALA A 220 15.77 -4.89 -10.23
N CYS A 221 15.80 -5.92 -11.08
CA CYS A 221 14.63 -6.25 -11.90
C CYS A 221 13.45 -6.65 -11.02
N VAL A 222 13.71 -7.47 -10.00
CA VAL A 222 12.64 -7.86 -9.08
C VAL A 222 12.13 -6.65 -8.30
N GLY A 223 13.04 -5.82 -7.81
CA GLY A 223 12.63 -4.64 -7.07
C GLY A 223 11.79 -3.69 -7.90
N THR A 224 12.15 -3.51 -9.16
CA THR A 224 11.35 -2.67 -10.05
C THR A 224 10.02 -3.34 -10.38
N LEU A 225 10.03 -4.66 -10.59
CA LEU A 225 8.82 -5.36 -10.97
C LEU A 225 7.79 -5.34 -9.85
N ILE A 226 8.23 -5.40 -8.59
CA ILE A 226 7.30 -5.34 -7.47
C ILE A 226 6.55 -4.02 -7.47
N GLY A 227 7.25 -2.91 -7.70
CA GLY A 227 6.58 -1.62 -7.74
C GLY A 227 5.66 -1.47 -8.94
N TYR A 228 6.07 -2.00 -10.10
CA TYR A 228 5.25 -1.88 -11.29
C TYR A 228 4.00 -2.74 -11.20
N VAL A 229 4.13 -3.96 -10.67
CA VAL A 229 2.96 -4.80 -10.43
C VAL A 229 2.06 -4.16 -9.38
N TYR A 230 2.67 -3.51 -8.38
CA TYR A 230 1.89 -2.78 -7.38
C TYR A 230 1.09 -1.66 -8.02
N SER A 231 1.68 -0.94 -8.96
CA SER A 231 1.00 0.19 -9.60
C SER A 231 -0.04 -0.25 -10.62
N LEU A 232 -0.05 -1.53 -11.01
CA LEU A 232 -1.07 -2.02 -11.92
C LEU A 232 -2.36 -2.40 -11.21
N GLY A 233 -2.38 -2.38 -9.88
CA GLY A 233 -3.59 -2.70 -9.14
C GLY A 233 -4.66 -1.64 -9.21
N GLN A 234 -4.26 -0.38 -9.43
CA GLN A 234 -5.25 0.69 -9.56
C GLN A 234 -6.15 0.48 -10.77
N PHE A 235 -5.57 0.00 -11.88
CA PHE A 235 -6.38 -0.30 -13.06
C PHE A 235 -7.36 -1.43 -12.79
N LEU A 236 -6.93 -2.46 -12.06
CA LEU A 236 -7.80 -3.59 -11.78
C LEU A 236 -8.97 -3.19 -10.89
N LEU A 237 -8.71 -2.30 -9.91
CA LEU A 237 -9.77 -1.87 -9.01
C LEU A 237 -10.86 -1.12 -9.76
N ALA A 238 -10.48 -0.25 -10.70
CA ALA A 238 -11.46 0.51 -11.45
C ALA A 238 -12.34 -0.41 -12.29
N GLY A 239 -11.74 -1.42 -12.93
CA GLY A 239 -12.51 -2.33 -13.75
C GLY A 239 -13.47 -3.19 -12.92
N VAL A 240 -13.00 -3.67 -11.78
CA VAL A 240 -13.85 -4.52 -10.93
C VAL A 240 -14.96 -3.70 -10.29
N ALA A 241 -14.63 -2.51 -9.78
CA ALA A 241 -15.64 -1.69 -9.11
C ALA A 241 -16.69 -1.18 -10.07
N TYR A 242 -16.31 -0.91 -11.33
CA TYR A 242 -17.28 -0.43 -12.31
C TYR A 242 -18.36 -1.47 -12.57
N ALA A 243 -17.97 -2.74 -12.72
CA ALA A 243 -18.94 -3.80 -12.94
C ALA A 243 -19.68 -4.19 -11.67
N VAL A 244 -19.02 -4.09 -10.52
CA VAL A 244 -19.61 -4.48 -9.24
C VAL A 244 -19.63 -3.28 -8.30
N PRO A 245 -20.73 -2.53 -8.24
CA PRO A 245 -20.76 -1.33 -7.40
C PRO A 245 -21.17 -1.61 -5.96
N HIS A 246 -21.87 -2.71 -5.71
CA HIS A 246 -22.34 -3.02 -4.36
C HIS A 246 -21.16 -3.27 -3.43
N TRP A 247 -21.26 -2.77 -2.20
CA TRP A 247 -20.16 -2.91 -1.26
C TRP A 247 -19.98 -4.35 -0.80
N ARG A 248 -21.07 -5.10 -0.64
CA ARG A 248 -20.95 -6.50 -0.24
C ARG A 248 -20.36 -7.34 -1.35
N HIS A 249 -20.83 -7.16 -2.59
CA HIS A 249 -20.34 -7.97 -3.69
C HIS A 249 -18.92 -7.60 -4.09
N LEU A 250 -18.60 -6.31 -4.07
CA LEU A 250 -17.25 -5.87 -4.43
C LEU A 250 -16.23 -6.38 -3.43
N GLN A 251 -16.54 -6.28 -2.13
CA GLN A 251 -15.62 -6.76 -1.11
C GLN A 251 -15.46 -8.27 -1.20
N LEU A 252 -16.56 -9.00 -1.43
CA LEU A 252 -16.49 -10.44 -1.55
C LEU A 252 -15.68 -10.85 -2.77
N LEU A 253 -15.87 -10.17 -3.90
CA LEU A 253 -15.14 -10.52 -5.11
C LEU A 253 -13.66 -10.16 -5.00
N VAL A 254 -13.34 -9.10 -4.27
CA VAL A 254 -11.94 -8.72 -4.10
C VAL A 254 -11.19 -9.74 -3.26
N SER A 255 -11.83 -10.24 -2.20
CA SER A 255 -11.22 -11.24 -1.33
C SER A 255 -11.41 -12.66 -1.83
N ALA A 256 -12.19 -12.86 -2.88
CA ALA A 256 -12.40 -14.21 -3.42
C ALA A 256 -11.13 -14.87 -3.93
N PRO A 257 -10.29 -14.21 -4.76
CA PRO A 257 -9.11 -14.92 -5.29
C PRO A 257 -8.13 -15.38 -4.22
N PHE A 258 -8.12 -14.74 -3.05
CA PHE A 258 -7.20 -15.13 -1.99
C PHE A 258 -7.48 -16.52 -1.44
N PHE A 259 -8.68 -17.07 -1.68
CA PHE A 259 -8.89 -18.49 -1.42
C PHE A 259 -8.17 -19.34 -2.46
N ALA A 260 -8.25 -18.94 -3.74
CA ALA A 260 -7.56 -19.67 -4.79
C ALA A 260 -6.05 -19.53 -4.66
N PHE A 261 -5.57 -18.40 -4.16
CA PHE A 261 -4.13 -18.24 -3.95
C PHE A 261 -3.64 -19.17 -2.85
N PHE A 262 -4.47 -19.41 -1.83
CA PHE A 262 -4.11 -20.35 -0.77
C PHE A 262 -4.04 -21.78 -1.28
N ILE A 263 -4.79 -22.10 -2.33
CA ILE A 263 -4.81 -23.46 -2.85
C ILE A 263 -3.44 -23.82 -3.42
N TYR A 264 -2.84 -22.93 -4.20
CA TYR A 264 -1.52 -23.19 -4.77
C TYR A 264 -0.38 -22.67 -3.91
N SER A 265 -0.67 -21.97 -2.82
CA SER A 265 0.39 -21.47 -1.95
C SER A 265 1.14 -22.58 -1.24
N TRP A 266 0.56 -23.78 -1.17
CA TRP A 266 1.26 -24.89 -0.54
C TRP A 266 2.48 -25.31 -1.35
N PHE A 267 2.39 -25.21 -2.67
CA PHE A 267 3.49 -25.62 -3.55
C PHE A 267 4.53 -24.52 -3.68
N PHE A 268 5.02 -24.01 -2.55
CA PHE A 268 6.07 -23.01 -2.52
C PHE A 268 7.29 -23.58 -1.80
N ILE A 269 8.46 -23.40 -2.41
CA ILE A 269 9.71 -23.86 -1.81
C ILE A 269 10.21 -22.78 -0.86
N GLU A 270 10.51 -23.17 0.34
CA GLU A 270 11.00 -22.22 1.34
C GLU A 270 12.37 -21.69 0.94
N SER A 271 12.65 -20.46 1.34
CA SER A 271 13.91 -19.83 1.01
C SER A 271 15.08 -20.65 1.55
N ALA A 272 15.98 -21.05 0.65
CA ALA A 272 17.12 -21.87 1.06
C ALA A 272 18.05 -21.13 2.00
N ARG A 273 18.24 -19.82 1.78
CA ARG A 273 19.16 -19.05 2.62
C ARG A 273 18.67 -19.01 4.07
N TRP A 274 17.35 -18.86 4.26
CA TRP A 274 16.82 -18.81 5.62
C TRP A 274 17.01 -20.14 6.34
N HIS A 275 16.93 -21.26 5.61
CA HIS A 275 17.19 -22.56 6.22
C HIS A 275 18.61 -22.64 6.74
N SER A 276 19.57 -22.08 5.99
CA SER A 276 20.95 -22.05 6.46
C SER A 276 21.09 -21.23 7.74
N SER A 277 20.39 -20.08 7.80
CA SER A 277 20.45 -19.25 9.00
C SER A 277 19.78 -19.91 10.20
N SER A 278 18.91 -20.89 9.97
CA SER A 278 18.22 -21.59 11.05
C SER A 278 18.91 -22.88 11.47
N GLY A 279 20.11 -23.14 10.93
CA GLY A 279 20.83 -24.36 11.26
C GLY A 279 20.14 -25.61 10.76
N ARG A 280 19.66 -25.57 9.52
CA ARG A 280 18.96 -26.70 8.90
C ARG A 280 19.55 -26.96 7.51
N LEU A 281 20.88 -27.07 7.46
CA LEU A 281 21.57 -27.24 6.18
C LEU A 281 21.10 -28.50 5.45
N ASP A 282 20.60 -29.50 6.18
CA ASP A 282 20.02 -30.66 5.52
C ASP A 282 18.80 -30.28 4.69
N LEU A 283 17.96 -29.39 5.22
CA LEU A 283 16.83 -28.89 4.44
C LEU A 283 17.30 -27.99 3.31
N THR A 284 18.38 -27.24 3.53
CA THR A 284 18.91 -26.37 2.49
C THR A 284 19.39 -27.19 1.29
N LEU A 285 20.07 -28.31 1.55
CA LEU A 285 20.56 -29.16 0.47
C LEU A 285 19.40 -29.76 -0.31
N ARG A 286 18.35 -30.20 0.39
CA ARG A 286 17.19 -30.76 -0.30
C ARG A 286 16.49 -29.71 -1.15
N ALA A 287 16.35 -28.49 -0.62
CA ALA A 287 15.68 -27.44 -1.38
C ALA A 287 16.43 -27.10 -2.66
N LEU A 288 17.76 -27.00 -2.57
CA LEU A 288 18.56 -26.68 -3.76
C LEU A 288 18.55 -27.81 -4.77
N GLN A 289 18.54 -29.06 -4.28
CA GLN A 289 18.47 -30.20 -5.19
C GLN A 289 17.13 -30.22 -5.93
N ARG A 290 16.04 -29.90 -5.24
CA ARG A 290 14.73 -29.86 -5.88
C ARG A 290 14.69 -28.81 -6.98
N VAL A 291 15.36 -27.67 -6.76
CA VAL A 291 15.43 -26.64 -7.78
C VAL A 291 16.17 -27.14 -9.01
N ALA A 292 17.20 -27.96 -8.80
CA ALA A 292 18.03 -28.42 -9.91
C ALA A 292 17.23 -29.24 -10.91
N ARG A 293 16.37 -30.13 -10.42
CA ARG A 293 15.59 -30.97 -11.34
C ARG A 293 14.51 -30.17 -12.06
N ILE A 294 13.99 -29.13 -11.43
CA ILE A 294 12.97 -28.30 -12.08
C ILE A 294 13.58 -27.53 -13.25
N ASN A 295 14.75 -26.94 -13.04
CA ASN A 295 15.39 -26.16 -14.09
C ASN A 295 15.97 -27.03 -15.19
N GLY A 296 16.05 -28.34 -14.98
CA GLY A 296 16.58 -29.25 -15.96
C GLY A 296 18.07 -29.52 -15.84
N LYS A 297 18.78 -28.78 -14.99
CA LYS A 297 20.21 -29.01 -14.78
C LYS A 297 20.42 -29.92 -13.58
N ARG A 298 19.85 -31.12 -13.67
CA ARG A 298 19.97 -32.10 -12.59
C ARG A 298 21.38 -32.62 -12.43
N GLU A 299 22.23 -32.51 -13.46
CA GLU A 299 23.60 -32.99 -13.36
C GLU A 299 24.37 -32.22 -12.30
N GLU A 300 24.20 -30.89 -12.26
CA GLU A 300 24.90 -30.09 -11.25
C GLU A 300 24.30 -30.29 -9.87
N GLY A 301 23.00 -30.58 -9.78
CA GLY A 301 22.40 -30.81 -8.48
C GLY A 301 22.94 -32.06 -7.80
N ALA A 302 23.22 -33.10 -8.57
CA ALA A 302 23.78 -34.33 -8.00
C ALA A 302 25.17 -34.08 -7.43
N LYS A 303 25.95 -33.20 -8.07
CA LYS A 303 27.27 -32.86 -7.56
C LYS A 303 27.18 -32.21 -6.18
N LEU A 304 26.20 -31.32 -6.00
CA LEU A 304 26.03 -30.64 -4.72
C LEU A 304 25.72 -31.65 -3.64
N SER A 305 26.41 -31.53 -2.51
CA SER A 305 26.25 -32.44 -1.39
C SER A 305 26.53 -31.67 -0.10
N MET A 306 26.33 -32.36 1.03
CA MET A 306 26.47 -31.71 2.33
C MET A 306 27.88 -31.16 2.53
N GLU A 307 28.90 -31.93 2.13
CA GLU A 307 30.28 -31.45 2.24
C GLU A 307 30.50 -30.22 1.38
N VAL A 308 29.99 -30.23 0.15
CA VAL A 308 30.10 -29.07 -0.72
C VAL A 308 29.22 -27.93 -0.23
N LEU A 309 28.00 -28.25 0.23
CA LEU A 309 27.08 -27.23 0.68
C LEU A 309 27.64 -26.47 1.87
N ARG A 310 28.19 -27.19 2.85
CA ARG A 310 28.79 -26.52 4.01
C ARG A 310 30.04 -25.76 3.62
N ALA A 311 30.84 -26.31 2.70
CA ALA A 311 32.05 -25.64 2.25
C ALA A 311 31.71 -24.33 1.53
N SER A 312 30.63 -24.31 0.76
CA SER A 312 30.25 -23.09 0.05
C SER A 312 29.71 -22.03 1.01
N LEU A 313 28.83 -22.45 1.93
CA LEU A 313 28.19 -21.51 2.86
C LEU A 313 28.91 -21.52 4.21
N GLN A 314 30.17 -21.07 4.20
CA GLN A 314 30.93 -20.92 5.42
C GLN A 314 30.79 -19.55 6.06
N LYS A 315 30.13 -18.61 5.39
CA LYS A 315 30.01 -17.25 5.91
C LYS A 315 28.55 -16.80 5.92
N GLU A 328 19.49 -0.13 17.43
CA GLU A 328 20.81 0.44 17.17
C GLU A 328 20.71 1.70 16.33
N LEU A 329 19.51 1.93 15.76
CA LEU A 329 19.31 3.10 14.92
C LEU A 329 19.48 4.39 15.72
N LEU A 330 18.79 4.50 16.85
CA LEU A 330 18.91 5.66 17.71
C LEU A 330 19.93 5.47 18.83
N ARG A 331 20.44 4.25 19.02
CA ARG A 331 21.47 4.03 20.02
C ARG A 331 22.82 4.55 19.55
N CYS A 332 23.02 4.69 18.24
CA CYS A 332 24.25 5.21 17.69
C CYS A 332 24.01 6.59 17.09
N PRO A 333 24.50 7.67 17.73
CA PRO A 333 24.33 9.01 17.16
C PRO A 333 24.65 9.13 15.68
N THR A 334 25.64 8.39 15.18
CA THR A 334 26.01 8.50 13.77
C THR A 334 24.84 8.10 12.86
N LEU A 335 24.24 6.95 13.13
CA LEU A 335 23.06 6.54 12.38
C LEU A 335 21.79 7.22 12.87
N ARG A 336 21.80 7.77 14.09
CA ARG A 336 20.63 8.44 14.63
C ARG A 336 20.28 9.66 13.80
N HIS A 337 21.26 10.54 13.56
CA HIS A 337 21.02 11.73 12.73
C HIS A 337 20.71 11.36 11.29
N LEU A 338 20.93 10.12 10.90
CA LEU A 338 20.54 9.63 9.58
C LEU A 338 19.15 9.01 9.58
N PHE A 339 18.64 8.65 10.76
CA PHE A 339 17.35 7.94 10.82
C PHE A 339 16.18 8.91 10.76
N LEU A 340 16.19 9.97 11.58
CA LEU A 340 15.05 10.87 11.60
C LEU A 340 14.86 11.55 10.24
N CYS A 341 15.97 11.92 9.59
CA CYS A 341 15.87 12.51 8.27
C CYS A 341 15.24 11.54 7.28
N LEU A 342 15.62 10.27 7.34
CA LEU A 342 14.98 9.27 6.50
C LEU A 342 13.56 8.97 6.96
N SER A 343 13.34 8.95 8.27
CA SER A 343 12.00 8.65 8.80
C SER A 343 11.00 9.72 8.40
N MET A 344 11.39 10.99 8.50
CA MET A 344 10.48 12.08 8.12
C MET A 344 10.13 12.03 6.65
N LEU A 345 11.05 11.59 5.80
CA LEU A 345 10.75 11.46 4.37
C LEU A 345 9.74 10.34 4.12
N TRP A 346 9.92 9.19 4.80
CA TRP A 346 8.99 8.08 4.65
C TRP A 346 7.61 8.45 5.17
N PHE A 347 7.55 9.11 6.32
CA PHE A 347 6.26 9.47 6.92
C PHE A 347 5.52 10.50 6.06
N ALA A 348 6.21 11.58 5.69
CA ALA A 348 5.54 12.67 5.00
C ALA A 348 5.08 12.26 3.60
N THR A 349 5.91 11.47 2.90
CA THR A 349 5.52 11.02 1.56
C THR A 349 4.28 10.13 1.62
N SER A 350 4.20 9.24 2.62
CA SER A 350 3.02 8.40 2.78
C SER A 350 1.85 9.16 3.39
N PHE A 351 2.13 10.17 4.23
CA PHE A 351 1.05 10.91 4.87
C PHE A 351 0.20 11.66 3.85
N ALA A 352 0.86 12.31 2.88
CA ALA A 352 0.14 13.02 1.83
C ALA A 352 -0.30 12.11 0.69
N TYR A 353 0.23 10.89 0.61
CA TYR A 353 -0.19 9.98 -0.45
C TYR A 353 -1.61 9.48 -0.22
N TYR A 354 -1.84 8.83 0.93
CA TYR A 354 -3.18 8.35 1.24
C TYR A 354 -4.14 9.47 1.63
N GLY A 355 -3.64 10.69 1.81
CA GLY A 355 -4.53 11.83 1.94
C GLY A 355 -5.10 12.33 0.63
N LEU A 356 -4.60 11.80 -0.50
CA LEU A 356 -5.10 12.13 -1.82
C LEU A 356 -5.78 10.95 -2.51
N VAL A 357 -5.22 9.75 -2.37
CA VAL A 357 -5.82 8.56 -2.97
C VAL A 357 -7.18 8.27 -2.34
N MET A 358 -7.31 8.51 -1.03
CA MET A 358 -8.56 8.23 -0.33
C MET A 358 -9.63 9.29 -0.60
N ASP A 359 -9.28 10.39 -1.28
CA ASP A 359 -10.22 11.49 -1.44
C ASP A 359 -10.46 11.73 -2.93
N LEU A 360 -10.72 10.67 -3.68
CA LEU A 360 -10.98 10.83 -5.11
C LEU A 360 -12.28 11.57 -5.37
N GLN A 361 -13.31 11.30 -4.58
CA GLN A 361 -14.61 11.94 -4.78
C GLN A 361 -14.53 13.43 -4.48
N GLY A 362 -15.22 14.22 -5.29
CA GLY A 362 -15.28 15.66 -5.10
C GLY A 362 -14.50 16.48 -6.11
N PHE A 363 -13.88 15.85 -7.11
CA PHE A 363 -13.13 16.57 -8.13
C PHE A 363 -13.97 16.90 -9.35
N GLY A 364 -15.27 16.60 -9.32
CA GLY A 364 -16.13 16.90 -10.45
C GLY A 364 -16.09 15.89 -11.58
N VAL A 365 -15.44 14.74 -11.37
CA VAL A 365 -15.35 13.69 -12.37
C VAL A 365 -15.77 12.38 -11.70
N SER A 366 -16.30 11.46 -12.50
CA SER A 366 -16.67 10.15 -11.98
C SER A 366 -15.45 9.44 -11.39
N ILE A 367 -15.64 8.81 -10.24
CA ILE A 367 -14.51 8.20 -9.54
C ILE A 367 -13.93 7.04 -10.33
N TYR A 368 -14.74 6.38 -11.16
CA TYR A 368 -14.22 5.32 -12.00
C TYR A 368 -13.22 5.85 -13.02
N LEU A 369 -13.46 7.06 -13.53
CA LEU A 369 -12.52 7.67 -14.45
C LEU A 369 -11.29 8.20 -13.73
N ILE A 370 -11.48 8.77 -12.54
CA ILE A 370 -10.36 9.34 -11.79
C ILE A 370 -9.40 8.23 -11.35
N GLN A 371 -9.93 7.10 -10.89
CA GLN A 371 -9.08 5.99 -10.49
C GLN A 371 -8.24 5.49 -11.65
N VAL A 372 -8.81 5.50 -12.86
CA VAL A 372 -8.04 5.14 -14.05
C VAL A 372 -6.95 6.16 -14.30
N ILE A 373 -7.27 7.45 -14.18
CA ILE A 373 -6.30 8.50 -14.46
C ILE A 373 -5.19 8.52 -13.40
N PHE A 374 -5.56 8.32 -12.13
CA PHE A 374 -4.56 8.30 -11.07
C PHE A 374 -3.58 7.15 -11.28
N GLY A 375 -4.08 5.98 -11.66
CA GLY A 375 -3.18 4.88 -12.00
C GLY A 375 -2.38 5.16 -13.26
N ALA A 376 -2.98 5.85 -14.22
CA ALA A 376 -2.31 6.09 -15.49
C ALA A 376 -1.12 7.02 -15.33
N VAL A 377 -1.20 8.00 -14.42
CA VAL A 377 -0.12 8.95 -14.23
C VAL A 377 1.08 8.34 -13.51
N ASP A 378 0.93 7.12 -12.98
CA ASP A 378 2.02 6.49 -12.24
C ASP A 378 3.20 6.21 -13.15
N LEU A 379 2.95 5.60 -14.32
CA LEU A 379 4.04 5.20 -15.20
C LEU A 379 4.87 6.37 -15.72
N PRO A 380 4.29 7.44 -16.27
CA PRO A 380 5.13 8.58 -16.68
C PRO A 380 5.85 9.24 -15.51
N ALA A 381 5.25 9.24 -14.32
CA ALA A 381 5.88 9.88 -13.17
C ALA A 381 7.19 9.19 -12.81
N LYS A 382 7.22 7.86 -12.84
CA LYS A 382 8.46 7.14 -12.59
C LYS A 382 9.48 7.41 -13.68
N LEU A 383 9.02 7.48 -14.93
CA LEU A 383 9.93 7.71 -16.05
C LEU A 383 10.64 9.05 -15.93
N VAL A 384 9.89 10.11 -15.58
CA VAL A 384 10.50 11.40 -15.35
C VAL A 384 11.42 11.34 -14.13
N GLY A 385 10.96 10.70 -13.06
CA GLY A 385 11.77 10.60 -11.86
C GLY A 385 13.03 9.78 -12.07
N PHE A 386 12.90 8.63 -12.72
CA PHE A 386 14.06 7.76 -12.94
C PHE A 386 15.10 8.44 -13.82
N LEU A 387 14.66 9.13 -14.86
CA LEU A 387 15.60 9.85 -15.73
C LEU A 387 16.29 10.99 -14.98
N VAL A 388 15.53 11.75 -14.19
CA VAL A 388 16.10 12.87 -13.45
C VAL A 388 17.02 12.35 -12.35
N ILE A 389 16.66 11.22 -11.73
CA ILE A 389 17.46 10.66 -10.65
C ILE A 389 18.87 10.32 -11.14
N ASN A 390 18.98 9.68 -12.30
CA ASN A 390 20.27 9.29 -12.84
C ASN A 390 21.00 10.44 -13.52
N SER A 391 20.34 11.58 -13.76
CA SER A 391 20.97 12.69 -14.44
C SER A 391 21.30 13.86 -13.51
N LEU A 392 20.58 14.00 -12.41
CA LEU A 392 20.80 15.10 -11.47
C LEU A 392 21.29 14.63 -10.11
N GLY A 393 20.60 13.67 -9.51
CA GLY A 393 20.97 13.15 -8.21
C GLY A 393 19.74 12.73 -7.43
N ARG A 394 19.94 11.78 -6.51
CA ARG A 394 18.84 11.29 -5.70
C ARG A 394 18.27 12.38 -4.81
N ARG A 395 19.17 13.18 -4.19
CA ARG A 395 18.70 14.23 -3.28
C ARG A 395 17.98 15.35 -4.00
N PRO A 396 18.55 16.00 -5.03
CA PRO A 396 17.82 17.09 -5.68
C PRO A 396 16.51 16.64 -6.32
N ALA A 397 16.47 15.42 -6.88
CA ALA A 397 15.23 14.91 -7.44
C ALA A 397 14.17 14.72 -6.37
N GLN A 398 14.56 14.16 -5.21
CA GLN A 398 13.59 13.93 -4.15
C GLN A 398 13.02 15.25 -3.62
N MET A 399 13.88 16.26 -3.45
CA MET A 399 13.41 17.56 -3.01
C MET A 399 12.48 18.18 -4.03
N ALA A 400 12.81 18.07 -5.32
CA ALA A 400 11.96 18.62 -6.36
C ALA A 400 10.66 17.84 -6.48
N ALA A 401 10.71 16.52 -6.27
CA ALA A 401 9.49 15.72 -6.36
C ALA A 401 8.57 16.01 -5.18
N LEU A 402 9.12 16.15 -3.98
CA LEU A 402 8.29 16.40 -2.81
C LEU A 402 7.74 17.82 -2.82
N LEU A 403 8.59 18.80 -3.14
CA LEU A 403 8.14 20.19 -3.14
C LEU A 403 7.06 20.44 -4.19
N LEU A 404 7.23 19.86 -5.38
CA LEU A 404 6.22 20.00 -6.41
C LEU A 404 4.91 19.31 -6.01
N ALA A 405 5.01 18.15 -5.37
CA ALA A 405 3.82 17.45 -4.91
C ALA A 405 3.09 18.25 -3.85
N GLY A 406 3.83 18.87 -2.92
CA GLY A 406 3.19 19.66 -1.89
C GLY A 406 2.48 20.89 -2.44
N ILE A 407 3.06 21.51 -3.47
CA ILE A 407 2.44 22.69 -4.07
C ILE A 407 1.12 22.33 -4.73
N CYS A 408 1.08 21.20 -5.46
CA CYS A 408 -0.14 20.80 -6.14
C CYS A 408 -1.26 20.50 -5.14
N ILE A 409 -0.94 19.83 -4.04
CA ILE A 409 -1.95 19.55 -3.03
C ILE A 409 -2.41 20.84 -2.37
N LEU A 410 -1.47 21.74 -2.03
CA LEU A 410 -1.83 22.98 -1.37
C LEU A 410 -2.68 23.87 -2.27
N LEU A 411 -2.33 23.95 -3.56
CA LEU A 411 -3.09 24.79 -4.49
C LEU A 411 -4.50 24.28 -4.71
N ASN A 412 -4.77 23.02 -4.39
CA ASN A 412 -6.11 22.48 -4.57
C ASN A 412 -7.12 23.14 -3.63
N GLY A 413 -6.71 23.38 -2.38
CA GLY A 413 -7.61 24.03 -1.45
C GLY A 413 -7.90 25.47 -1.79
N VAL A 414 -6.89 26.19 -2.27
CA VAL A 414 -7.08 27.60 -2.62
C VAL A 414 -7.95 27.73 -3.87
N ILE A 415 -7.74 26.87 -4.86
CA ILE A 415 -8.46 26.97 -6.13
C ILE A 415 -9.94 26.71 -5.88
N PRO A 416 -10.86 27.51 -6.45
CA PRO A 416 -12.29 27.28 -6.22
C PRO A 416 -12.74 25.94 -6.79
N GLN A 417 -13.77 25.38 -6.14
CA GLN A 417 -14.29 24.09 -6.55
C GLN A 417 -15.02 24.14 -7.89
N ASP A 418 -15.33 25.33 -8.41
CA ASP A 418 -16.03 25.43 -9.68
C ASP A 418 -15.15 24.94 -10.83
N GLN A 419 -13.86 25.29 -10.81
CA GLN A 419 -12.93 24.89 -11.88
C GLN A 419 -12.58 23.43 -11.68
N SER A 420 -13.43 22.55 -12.22
CA SER A 420 -13.26 21.12 -12.03
C SER A 420 -12.05 20.59 -12.80
N ILE A 421 -11.88 21.03 -14.05
CA ILE A 421 -10.83 20.47 -14.91
C ILE A 421 -9.45 20.80 -14.35
N VAL A 422 -9.25 22.07 -13.95
CA VAL A 422 -7.96 22.47 -13.41
C VAL A 422 -7.70 21.83 -12.06
N ARG A 423 -8.73 21.80 -11.20
CA ARG A 423 -8.57 21.20 -9.88
C ARG A 423 -8.27 19.71 -9.98
N THR A 424 -8.92 19.02 -10.92
CA THR A 424 -8.61 17.61 -11.14
C THR A 424 -7.20 17.43 -11.68
N SER A 425 -6.79 18.29 -12.60
CA SER A 425 -5.47 18.16 -13.21
C SER A 425 -4.36 18.37 -12.18
N LEU A 426 -4.52 19.35 -11.29
CA LEU A 426 -3.52 19.59 -10.26
C LEU A 426 -3.41 18.41 -9.31
N ALA A 427 -4.55 17.82 -8.95
CA ALA A 427 -4.51 16.64 -8.09
C ALA A 427 -3.83 15.47 -8.79
N VAL A 428 -4.09 15.29 -10.09
CA VAL A 428 -3.44 14.23 -10.84
C VAL A 428 -1.93 14.46 -10.89
N LEU A 429 -1.52 15.70 -11.13
CA LEU A 429 -0.09 16.02 -11.12
C LEU A 429 0.50 15.82 -9.72
N GLY A 430 -0.26 16.16 -8.68
CA GLY A 430 0.23 15.94 -7.34
C GLY A 430 0.38 14.47 -7.00
N LYS A 431 -0.55 13.64 -7.49
CA LYS A 431 -0.45 12.20 -7.25
C LYS A 431 0.78 11.61 -7.93
N GLY A 432 1.08 12.05 -9.15
CA GLY A 432 2.25 11.54 -9.85
C GLY A 432 3.55 11.90 -9.14
N CYS A 433 3.66 13.15 -8.68
CA CYS A 433 4.88 13.58 -8.00
C CYS A 433 5.05 12.86 -6.67
N LEU A 434 3.96 12.53 -6.00
CA LEU A 434 4.07 11.75 -4.77
C LEU A 434 4.56 10.34 -5.05
N ALA A 435 4.09 9.74 -6.15
CA ALA A 435 4.56 8.41 -6.53
C ALA A 435 6.04 8.44 -6.92
N ALA A 436 6.46 9.49 -7.62
CA ALA A 436 7.87 9.61 -7.98
C ALA A 436 8.75 9.82 -6.76
N SER A 437 8.18 10.31 -5.65
CA SER A 437 8.93 10.41 -4.41
C SER A 437 9.09 9.05 -3.74
N PHE A 438 8.08 8.19 -3.86
CA PHE A 438 8.17 6.86 -3.27
C PHE A 438 9.29 6.05 -3.91
N ASN A 439 9.40 6.10 -5.24
CA ASN A 439 10.46 5.37 -5.92
C ASN A 439 11.83 5.91 -5.52
N CYS A 440 11.96 7.23 -5.43
CA CYS A 440 13.25 7.83 -5.07
C CYS A 440 13.64 7.50 -3.63
N ILE A 441 12.70 7.62 -2.69
CA ILE A 441 13.02 7.36 -1.29
C ILE A 441 13.32 5.89 -1.07
N PHE A 442 12.72 5.00 -1.86
CA PHE A 442 13.05 3.58 -1.77
C PHE A 442 14.50 3.33 -2.19
N LEU A 443 14.93 3.99 -3.26
CA LEU A 443 16.32 3.84 -3.70
C LEU A 443 17.27 4.59 -2.79
N TYR A 444 16.90 5.80 -2.38
CA TYR A 444 17.80 6.63 -1.58
C TYR A 444 18.06 6.03 -0.21
N THR A 445 17.05 5.43 0.40
CA THR A 445 17.21 4.86 1.74
C THR A 445 18.23 3.73 1.73
N GLY A 446 18.18 2.86 0.72
CA GLY A 446 19.11 1.76 0.65
C GLY A 446 20.56 2.22 0.53
N GLU A 447 20.80 3.22 -0.33
CA GLU A 447 22.17 3.70 -0.53
C GLU A 447 22.68 4.54 0.63
N LEU A 448 21.78 5.05 1.47
CA LEU A 448 22.17 5.88 2.60
C LEU A 448 22.40 5.09 3.88
N TYR A 449 22.28 3.77 3.84
CA TYR A 449 22.44 2.96 5.03
C TYR A 449 23.60 1.98 4.87
N PRO A 450 24.39 1.77 5.93
CA PRO A 450 25.46 0.77 5.85
C PRO A 450 24.90 -0.63 5.67
N THR A 451 25.71 -1.50 5.06
CA THR A 451 25.26 -2.86 4.75
C THR A 451 24.79 -3.61 5.98
N MET A 452 25.36 -3.30 7.15
CA MET A 452 24.96 -3.97 8.38
C MET A 452 23.50 -3.64 8.72
N ILE A 453 23.16 -2.35 8.75
CA ILE A 453 21.85 -1.90 9.24
C ILE A 453 20.89 -1.58 8.10
N ARG A 454 21.29 -1.81 6.84
CA ARG A 454 20.44 -1.45 5.72
C ARG A 454 19.10 -2.18 5.76
N GLN A 455 19.15 -3.50 5.98
CA GLN A 455 17.92 -4.29 5.96
C GLN A 455 16.98 -3.88 7.09
N THR A 456 17.53 -3.70 8.30
CA THR A 456 16.71 -3.26 9.42
C THR A 456 16.22 -1.82 9.22
N GLY A 457 17.08 -0.95 8.69
CA GLY A 457 16.68 0.43 8.45
C GLY A 457 15.56 0.55 7.44
N MET A 458 15.64 -0.22 6.36
CA MET A 458 14.59 -0.19 5.34
C MET A 458 13.27 -0.72 5.90
N GLY A 459 13.33 -1.80 6.68
CA GLY A 459 12.11 -2.35 7.25
C GLY A 459 11.43 -1.40 8.23
N MET A 460 12.21 -0.81 9.14
CA MET A 460 11.63 0.17 10.06
C MET A 460 11.36 1.49 9.36
N GLY A 461 12.10 1.79 8.28
CA GLY A 461 11.77 2.96 7.48
C GLY A 461 10.43 2.84 6.80
N SER A 462 10.10 1.64 6.31
CA SER A 462 8.77 1.40 5.77
C SER A 462 7.73 1.29 6.87
N THR A 463 8.14 0.91 8.08
CA THR A 463 7.21 0.86 9.20
C THR A 463 6.68 2.25 9.54
N MET A 464 7.56 3.26 9.55
CA MET A 464 7.11 4.61 9.83
C MET A 464 6.24 5.15 8.70
N ALA A 465 6.42 4.62 7.48
CA ALA A 465 5.53 4.96 6.39
C ALA A 465 4.12 4.45 6.64
N ARG A 466 4.00 3.26 7.25
CA ARG A 466 2.69 2.76 7.63
C ARG A 466 2.07 3.60 8.74
N VAL A 467 2.89 4.29 9.53
CA VAL A 467 2.36 5.19 10.55
C VAL A 467 1.69 6.40 9.89
N GLY A 468 2.27 6.90 8.81
CA GLY A 468 1.67 8.02 8.10
C GLY A 468 0.31 7.67 7.53
N SER A 469 0.16 6.45 7.01
CA SER A 469 -1.12 6.01 6.48
C SER A 469 -2.16 5.81 7.58
N ILE A 470 -1.76 5.81 8.84
CA ILE A 470 -2.71 5.74 9.93
C ILE A 470 -3.23 7.12 10.30
N VAL A 471 -2.34 8.12 10.34
CA VAL A 471 -2.72 9.46 10.76
C VAL A 471 -3.47 10.18 9.65
N SER A 472 -3.24 9.80 8.39
CA SER A 472 -3.89 10.49 7.28
C SER A 472 -5.41 10.41 7.34
N PRO A 473 -6.04 9.24 7.54
CA PRO A 473 -7.50 9.25 7.76
C PRO A 473 -7.91 10.04 8.99
N LEU A 474 -7.10 10.02 10.05
CA LEU A 474 -7.44 10.76 11.26
C LEU A 474 -7.46 12.26 11.00
N VAL A 475 -6.51 12.76 10.21
CA VAL A 475 -6.50 14.18 9.88
C VAL A 475 -7.72 14.54 9.04
N SER A 476 -8.14 13.64 8.16
CA SER A 476 -9.33 13.88 7.35
C SER A 476 -10.59 14.04 8.18
N MET A 477 -10.60 13.53 9.41
CA MET A 477 -11.76 13.66 10.28
C MET A 477 -11.98 15.09 10.76
N THR A 478 -11.01 15.99 10.56
CA THR A 478 -11.16 17.39 10.95
C THR A 478 -11.84 18.23 9.86
N ALA A 479 -12.33 17.60 8.80
CA ALA A 479 -13.06 18.35 7.77
C ALA A 479 -14.34 18.98 8.32
N GLU A 480 -14.86 18.47 9.44
CA GLU A 480 -16.02 19.09 10.07
C GLU A 480 -15.70 20.49 10.58
N LEU A 481 -14.50 20.69 11.15
CA LEU A 481 -14.13 22.00 11.66
C LEU A 481 -14.01 23.01 10.53
N TYR A 482 -13.28 22.65 9.46
CA TYR A 482 -13.12 23.50 8.30
C TYR A 482 -13.12 22.61 7.06
N PRO A 483 -13.64 23.09 5.93
CA PRO A 483 -13.79 22.18 4.77
C PRO A 483 -12.49 21.91 4.05
N SER A 484 -11.62 22.91 3.90
CA SER A 484 -10.36 22.74 3.20
C SER A 484 -9.18 22.52 4.15
N MET A 485 -9.45 22.37 5.45
CA MET A 485 -8.37 22.13 6.40
C MET A 485 -7.62 20.84 6.14
N PRO A 486 -8.27 19.68 5.90
CA PRO A 486 -7.49 18.47 5.59
C PRO A 486 -6.60 18.62 4.37
N LEU A 487 -7.07 19.32 3.34
CA LEU A 487 -6.25 19.51 2.15
C LEU A 487 -5.06 20.42 2.42
N PHE A 488 -5.24 21.42 3.29
CA PHE A 488 -4.13 22.29 3.65
C PHE A 488 -3.04 21.53 4.38
N ILE A 489 -3.42 20.63 5.29
CA ILE A 489 -2.44 19.87 6.06
C ILE A 489 -1.70 18.88 5.16
N TYR A 490 -2.44 18.22 4.26
CA TYR A 490 -1.80 17.26 3.36
C TYR A 490 -0.80 17.94 2.43
N GLY A 491 -0.97 19.23 2.19
CA GLY A 491 -0.07 19.98 1.35
C GLY A 491 0.99 20.78 2.07
N ALA A 492 0.98 20.79 3.41
CA ALA A 492 1.95 21.54 4.19
C ALA A 492 3.04 20.68 4.80
N VAL A 493 2.80 19.38 4.96
CA VAL A 493 3.79 18.48 5.54
C VAL A 493 4.89 18.15 4.51
N PRO A 494 4.55 17.77 3.27
CA PRO A 494 5.62 17.57 2.28
C PRO A 494 6.45 18.81 2.02
N VAL A 495 5.85 20.00 2.08
CA VAL A 495 6.59 21.24 1.87
C VAL A 495 7.66 21.39 2.95
N ALA A 496 7.30 21.12 4.21
CA ALA A 496 8.29 21.14 5.28
C ALA A 496 9.20 19.92 5.23
N ALA A 497 8.78 18.85 4.55
CA ALA A 497 9.62 17.67 4.43
C ALA A 497 10.75 17.87 3.41
N SER A 498 10.55 18.74 2.43
CA SER A 498 11.59 19.00 1.44
C SER A 498 12.83 19.63 2.05
N ALA A 499 12.69 20.31 3.18
CA ALA A 499 13.85 20.87 3.86
C ALA A 499 14.68 19.79 4.53
N VAL A 500 14.06 18.67 4.89
CA VAL A 500 14.80 17.57 5.51
C VAL A 500 15.80 16.98 4.53
N THR A 501 15.39 16.79 3.27
CA THR A 501 16.26 16.16 2.27
C THR A 501 17.56 16.92 2.06
N VAL A 502 17.57 18.22 2.33
CA VAL A 502 18.81 19.00 2.17
C VAL A 502 19.86 18.53 3.17
N LEU A 503 19.43 18.17 4.38
CA LEU A 503 20.36 17.71 5.41
C LEU A 503 20.98 16.35 5.09
N LEU A 504 20.41 15.60 4.14
CA LEU A 504 20.95 14.30 3.79
C LEU A 504 22.16 14.44 2.85
N PRO A 505 23.10 13.51 2.93
CA PRO A 505 24.24 13.54 2.00
C PRO A 505 23.94 12.83 0.70
N GLU A 506 24.33 13.45 -0.42
CA GLU A 506 24.05 12.87 -1.73
C GLU A 506 24.86 11.60 -1.93
N THR A 507 24.21 10.59 -2.50
CA THR A 507 24.84 9.29 -2.74
C THR A 507 24.98 8.94 -4.22
N LEU A 508 24.82 9.92 -5.11
CA LEU A 508 24.99 9.66 -6.53
C LEU A 508 26.47 9.59 -6.88
N GLY A 509 26.89 8.50 -7.51
CA GLY A 509 28.28 8.33 -7.87
C GLY A 509 29.20 8.11 -6.70
N GLN A 510 28.68 7.66 -5.56
CA GLN A 510 29.49 7.44 -4.37
C GLN A 510 29.52 5.95 -4.01
BR BR B . 2.73 -2.60 1.17
C4 OLM C . 6.37 0.41 -2.47
C3 OLM C . 5.76 0.82 -1.27
O3 OLM C . 2.20 -0.91 3.34
C2 OLM C . 6.34 1.83 -0.51
O2 OLM C . 5.39 1.38 3.94
C1 OLM C . 5.71 2.32 0.79
O1 OLM C . 4.87 -0.61 3.26
C20 OLM C . 2.35 3.08 -3.46
C19 OLM C . 2.06 2.84 -1.96
C18 OLM C . 3.27 3.13 -1.06
C15 OLM C . 3.26 2.27 0.26
N6 OLM C . 2.16 1.72 0.78
C16 OLM C . 2.50 1.05 1.88
C22 OLM C . 1.54 0.28 2.81
C23 OLM C . 1.10 1.20 3.98
C24 OLM C . 0.30 -0.17 2.02
C17 OLM C . 3.89 1.19 2.02
C21 OLM C . 4.77 0.60 3.14
N1 OLM C . 4.31 1.93 1.00
C7 OLM C . 7.56 2.42 -0.93
C6 OLM C . 8.16 2.01 -2.10
C5 OLM C . 7.57 0.99 -2.87
C8 OLM C . 8.30 0.56 -4.20
C9 OLM C . 8.52 1.53 -5.16
C10 OLM C . 9.15 1.20 -6.33
C11 OLM C . 9.57 -0.11 -6.56
C12 OLM C . 9.35 -1.09 -5.61
C13 OLM C . 8.72 -0.78 -4.43
C14 OLM C . 8.49 -1.87 -3.43
N5 OLM C . 9.46 -2.44 -2.64
N4 OLM C . 8.84 -3.37 -1.90
N3 OLM C . 7.56 -3.40 -2.20
N2 OLM C . 7.32 -2.48 -3.15
#